data_3WV3
#
_entry.id   3WV3
#
_cell.length_a   135.558
_cell.length_b   36.352
_cell.length_c   95.853
_cell.angle_alpha   90.000
_cell.angle_beta   130.643
_cell.angle_gamma   90.000
#
_symmetry.space_group_name_H-M   'C 1 2 1'
#
loop_
_entity.id
_entity.type
_entity.pdbx_description
1 polymer 'Collagenase 3'
2 non-polymer 'ZINC ION'
3 non-polymer 'CALCIUM ION'
4 non-polymer 'SODIUM ION'
5 non-polymer 'FORMIC ACID'
6 non-polymer 1,2-ETHANEDIOL
7 non-polymer N-(3-methoxybenzyl)-4-oxo-3,4-dihydrothieno[2,3-d]pyrimidine-2-carboxamide
8 water water
#
_entity_poly.entity_id   1
_entity_poly.type   'polypeptide(L)'
_entity_poly.pdbx_seq_one_letter_code
;YNVFPRTLKWSKMNLTYRIVNYTPDMTHSEVEKAFKKAFKVWSDVTPLNFTRLHDGIADIMISFGIKEHGDFYPFDGPSG
LLAHAFPPGPNYGGDAHFDDDETWTSSSKGYNLFLVAAHEFGHSLGLDHSKDPGALMFPIYTYTGKSHFMLPDDDVQGIQ
SLYGPGDEDPN
;
_entity_poly.pdbx_strand_id   A,B
#
# COMPACT_ATOMS: atom_id res chain seq x y z
N TYR A 1 -6.35 1.13 -20.13
CA TYR A 1 -6.07 1.83 -18.83
C TYR A 1 -6.60 1.04 -17.64
N ASN A 2 -6.16 1.41 -16.44
CA ASN A 2 -6.67 0.84 -15.20
C ASN A 2 -6.72 1.93 -14.14
N VAL A 3 -7.89 2.10 -13.53
CA VAL A 3 -8.01 2.92 -12.34
C VAL A 3 -7.75 2.04 -11.11
N PHE A 4 -7.38 2.66 -9.99
CA PHE A 4 -7.16 1.91 -8.75
C PHE A 4 -8.46 1.22 -8.29
N PRO A 5 -8.37 -0.04 -7.81
CA PRO A 5 -9.53 -0.77 -7.28
C PRO A 5 -10.32 -0.01 -6.20
N ARG A 6 -11.60 -0.36 -6.06
CA ARG A 6 -12.54 0.34 -5.17
C ARG A 6 -12.24 0.16 -3.68
N THR A 7 -11.67 -0.99 -3.33
CA THR A 7 -11.32 -1.29 -1.95
CA THR A 7 -11.35 -1.33 -1.96
C THR A 7 -9.92 -1.86 -1.90
N LEU A 8 -9.26 -1.70 -0.76
CA LEU A 8 -7.92 -2.26 -0.57
C LEU A 8 -8.06 -3.76 -0.44
N LYS A 9 -7.51 -4.51 -1.39
CA LYS A 9 -7.53 -5.96 -1.32
C LYS A 9 -6.39 -6.51 -2.17
N TRP A 10 -6.02 -7.77 -1.94
CA TRP A 10 -5.01 -8.41 -2.80
C TRP A 10 -5.63 -8.67 -4.17
N SER A 11 -4.87 -8.41 -5.23
CA SER A 11 -5.36 -8.54 -6.61
C SER A 11 -5.06 -9.92 -7.20
N LYS A 12 -4.65 -10.84 -6.33
CA LYS A 12 -4.34 -12.20 -6.72
C LYS A 12 -4.83 -13.12 -5.60
N MET A 13 -5.13 -14.37 -5.95
CA MET A 13 -5.65 -15.36 -4.98
C MET A 13 -4.54 -16.17 -4.31
N ASN A 14 -3.36 -16.24 -4.94
CA ASN A 14 -2.23 -16.96 -4.36
C ASN A 14 -1.35 -16.00 -3.58
N LEU A 15 -1.39 -16.13 -2.26
CA LEU A 15 -0.55 -15.35 -1.36
C LEU A 15 0.47 -16.21 -0.64
N THR A 16 1.61 -15.61 -0.34
CA THR A 16 2.67 -16.29 0.38
C THR A 16 2.88 -15.64 1.75
N TYR A 17 3.35 -16.43 2.71
CA TYR A 17 3.78 -15.89 3.99
C TYR A 17 5.09 -16.47 4.41
N ARG A 18 5.77 -15.77 5.31
CA ARG A 18 7.06 -16.18 5.82
C ARG A 18 7.14 -15.84 7.29
N ILE A 19 7.46 -16.85 8.10
CA ILE A 19 7.69 -16.65 9.52
C ILE A 19 9.19 -16.30 9.67
N VAL A 20 9.46 -15.04 9.84
CA VAL A 20 10.83 -14.51 9.78
C VAL A 20 11.61 -14.87 11.02
N ASN A 21 10.94 -14.80 12.17
CA ASN A 21 11.58 -15.23 13.40
C ASN A 21 10.50 -15.75 14.34
N TYR A 22 10.93 -16.19 15.54
CA TYR A 22 10.06 -16.91 16.45
C TYR A 22 10.14 -16.40 17.88
N THR A 23 9.00 -16.46 18.57
CA THR A 23 8.95 -16.05 19.97
C THR A 23 9.64 -17.07 20.87
N PRO A 24 10.22 -16.62 22.00
CA PRO A 24 10.76 -17.59 22.94
C PRO A 24 9.70 -18.49 23.58
N ASP A 25 8.43 -18.05 23.57
CA ASP A 25 7.39 -18.60 24.44
C ASP A 25 6.86 -19.97 24.03
N MET A 26 7.00 -20.30 22.75
CA MET A 26 6.40 -21.51 22.18
C MET A 26 7.42 -22.21 21.29
N THR A 27 7.23 -23.51 21.04
CA THR A 27 8.10 -24.22 20.10
C THR A 27 7.86 -23.72 18.67
N HIS A 28 8.85 -23.90 17.79
CA HIS A 28 8.67 -23.62 16.36
C HIS A 28 7.42 -24.31 15.83
N SER A 29 7.23 -25.58 16.21
CA SER A 29 6.08 -26.36 15.75
CA SER A 29 6.07 -26.34 15.71
C SER A 29 4.75 -25.71 16.15
N GLU A 30 4.68 -25.29 17.42
CA GLU A 30 3.46 -24.67 17.96
C GLU A 30 3.15 -23.38 17.21
N VAL A 31 4.19 -22.60 16.91
CA VAL A 31 4.02 -21.32 16.19
C VAL A 31 3.53 -21.57 14.76
N GLU A 32 4.22 -22.47 14.06
CA GLU A 32 3.81 -22.87 12.71
C GLU A 32 2.37 -23.38 12.65
N LYS A 33 1.96 -24.24 13.60
CA LYS A 33 0.59 -24.75 13.63
C LYS A 33 -0.43 -23.64 13.86
N ALA A 34 -0.13 -22.72 14.78
CA ALA A 34 -1.00 -21.57 15.05
C ALA A 34 -1.21 -20.70 13.81
N PHE A 35 -0.14 -20.39 13.10
CA PHE A 35 -0.27 -19.56 11.90
C PHE A 35 -0.96 -20.31 10.79
N LYS A 36 -0.63 -21.58 10.61
CA LYS A 36 -1.31 -22.37 9.56
C LYS A 36 -2.84 -22.39 9.79
N LYS A 37 -3.24 -22.60 11.04
CA LYS A 37 -4.64 -22.67 11.43
C LYS A 37 -5.32 -21.30 11.22
N ALA A 38 -4.60 -20.24 11.55
CA ALA A 38 -5.09 -18.86 11.35
C ALA A 38 -5.34 -18.50 9.88
N PHE A 39 -4.43 -18.89 8.99
CA PHE A 39 -4.65 -18.70 7.57
C PHE A 39 -5.84 -19.53 7.06
N LYS A 40 -6.00 -20.74 7.61
CA LYS A 40 -7.06 -21.62 7.16
C LYS A 40 -8.43 -21.06 7.51
N VAL A 41 -8.52 -20.33 8.62
CA VAL A 41 -9.74 -19.58 8.96
C VAL A 41 -10.27 -18.79 7.74
N TRP A 42 -9.35 -18.12 7.05
CA TRP A 42 -9.72 -17.25 5.94
C TRP A 42 -9.77 -17.99 4.60
N SER A 43 -8.83 -18.89 4.35
CA SER A 43 -8.90 -19.66 3.09
C SER A 43 -10.16 -20.55 3.01
N ASP A 44 -10.69 -20.98 4.15
CA ASP A 44 -11.87 -21.85 4.16
C ASP A 44 -13.12 -21.15 3.63
N VAL A 45 -13.16 -19.81 3.72
CA VAL A 45 -14.40 -19.06 3.39
C VAL A 45 -14.21 -18.10 2.21
N THR A 46 -13.10 -18.31 1.46
CA THR A 46 -12.77 -17.50 0.31
C THR A 46 -12.11 -18.37 -0.76
N PRO A 47 -11.76 -17.80 -1.93
CA PRO A 47 -10.89 -18.54 -2.86
C PRO A 47 -9.37 -18.33 -2.66
N LEU A 48 -8.98 -17.77 -1.51
CA LEU A 48 -7.57 -17.51 -1.23
C LEU A 48 -6.77 -18.77 -0.93
N ASN A 49 -5.52 -18.79 -1.40
CA ASN A 49 -4.56 -19.87 -1.12
C ASN A 49 -3.37 -19.24 -0.42
N PHE A 50 -2.89 -19.90 0.62
CA PHE A 50 -1.70 -19.43 1.34
C PHE A 50 -0.58 -20.47 1.28
N THR A 51 0.59 -20.05 0.81
CA THR A 51 1.76 -20.92 0.74
C THR A 51 2.87 -20.33 1.61
N ARG A 52 3.44 -21.17 2.47
CA ARG A 52 4.54 -20.76 3.33
C ARG A 52 5.88 -20.79 2.59
N LEU A 53 6.62 -19.69 2.72
CA LEU A 53 8.02 -19.62 2.28
C LEU A 53 8.97 -19.67 3.44
N HIS A 54 10.10 -20.32 3.23
CA HIS A 54 11.07 -20.48 4.31
C HIS A 54 12.04 -19.33 4.37
N ASP A 55 12.17 -18.61 3.25
CA ASP A 55 13.10 -17.50 3.10
C ASP A 55 12.65 -16.58 1.98
N GLY A 56 13.35 -15.46 1.80
CA GLY A 56 13.04 -14.53 0.72
C GLY A 56 11.83 -13.66 1.00
N ILE A 57 11.25 -13.08 -0.05
CA ILE A 57 10.18 -12.11 0.14
C ILE A 57 8.82 -12.77 -0.09
N ALA A 58 7.98 -12.72 0.94
CA ALA A 58 6.62 -13.23 0.88
C ALA A 58 5.68 -12.06 0.97
N ASP A 59 4.43 -12.25 0.55
CA ASP A 59 3.43 -11.18 0.63
C ASP A 59 3.26 -10.75 2.07
N ILE A 60 3.05 -11.75 2.92
CA ILE A 60 2.82 -11.51 4.34
C ILE A 60 4.04 -11.95 5.14
N MET A 61 4.88 -10.98 5.51
CA MET A 61 6.05 -11.23 6.33
C MET A 61 5.62 -11.15 7.79
N ILE A 62 5.86 -12.24 8.52
CA ILE A 62 5.48 -12.35 9.93
C ILE A 62 6.70 -12.29 10.84
N SER A 63 6.64 -11.47 11.89
CA SER A 63 7.77 -11.39 12.80
C SER A 63 7.36 -10.99 14.21
N PHE A 64 8.23 -11.37 15.15
CA PHE A 64 8.12 -11.01 16.55
C PHE A 64 9.18 -9.97 16.88
N GLY A 65 8.78 -8.86 17.50
CA GLY A 65 9.78 -7.87 17.88
C GLY A 65 9.31 -7.06 19.07
N ILE A 66 10.17 -6.17 19.54
CA ILE A 66 9.83 -5.33 20.70
C ILE A 66 10.14 -3.88 20.39
N LYS A 67 9.47 -2.99 21.09
CA LYS A 67 9.76 -1.54 21.03
C LYS A 67 9.85 -1.09 19.57
N GLU A 68 10.93 -0.39 19.21
CA GLU A 68 11.13 0.06 17.81
C GLU A 68 11.65 -1.13 17.02
N HIS A 69 10.91 -1.51 15.98
CA HIS A 69 11.24 -2.71 15.21
C HIS A 69 11.19 -2.50 13.68
N GLY A 70 11.16 -1.23 13.25
CA GLY A 70 11.32 -0.93 11.82
C GLY A 70 10.11 -0.36 11.12
N ASP A 71 9.22 0.30 11.87
CA ASP A 71 8.09 0.98 11.26
C ASP A 71 7.64 2.12 12.17
N PHE A 72 6.50 2.71 11.86
CA PHE A 72 6.00 3.85 12.65
C PHE A 72 5.12 3.42 13.82
N TYR A 73 5.16 2.14 14.16
CA TYR A 73 4.25 1.59 15.15
C TYR A 73 5.02 0.85 16.25
N PRO A 74 5.87 1.56 17.00
CA PRO A 74 6.69 0.85 17.97
C PRO A 74 5.82 0.17 19.03
N PHE A 75 6.23 -1.00 19.50
CA PHE A 75 5.56 -1.63 20.61
C PHE A 75 5.94 -0.98 21.93
N ASP A 76 5.31 -1.45 23.00
CA ASP A 76 5.24 -0.67 24.23
C ASP A 76 5.55 -1.47 25.49
N GLY A 77 6.31 -2.56 25.35
CA GLY A 77 6.55 -3.47 26.48
C GLY A 77 5.33 -4.31 26.82
N PRO A 78 5.37 -4.98 27.99
CA PRO A 78 4.27 -5.91 28.36
C PRO A 78 2.93 -5.20 28.45
N SER A 79 1.86 -5.88 28.04
CA SER A 79 0.50 -5.31 28.00
C SER A 79 0.37 -4.18 26.97
N GLY A 80 -0.79 -3.50 26.95
CA GLY A 80 -1.04 -2.49 25.93
C GLY A 80 -1.18 -3.07 24.53
N LEU A 81 -0.46 -2.49 23.59
CA LEU A 81 -0.42 -3.03 22.22
C LEU A 81 0.08 -4.48 22.21
N LEU A 82 -0.54 -5.32 21.38
CA LEU A 82 -0.25 -6.77 21.27
C LEU A 82 0.38 -7.14 19.93
N ALA A 83 -0.15 -6.55 18.87
CA ALA A 83 0.21 -6.92 17.51
C ALA A 83 -0.39 -5.93 16.55
N HIS A 84 0.12 -5.90 15.32
CA HIS A 84 -0.53 -5.12 14.29
C HIS A 84 -0.18 -5.70 12.95
N ALA A 85 -0.99 -5.35 11.95
CA ALA A 85 -0.75 -5.82 10.59
C ALA A 85 -1.10 -4.71 9.63
N PHE A 86 -0.40 -4.66 8.52
CA PHE A 86 -0.65 -3.64 7.51
C PHE A 86 -1.66 -4.12 6.47
N PRO A 87 -2.48 -3.20 5.94
CA PRO A 87 -3.43 -3.59 4.91
C PRO A 87 -2.73 -4.03 3.63
N PRO A 88 -3.46 -4.70 2.73
CA PRO A 88 -2.85 -5.17 1.47
C PRO A 88 -2.11 -4.06 0.72
N GLY A 89 -0.95 -4.43 0.20
CA GLY A 89 -0.15 -3.51 -0.61
C GLY A 89 1.29 -3.99 -0.66
N PRO A 90 2.15 -3.25 -1.34
CA PRO A 90 3.56 -3.62 -1.48
C PRO A 90 4.35 -3.39 -0.21
N ASN A 91 5.57 -3.95 -0.16
CA ASN A 91 6.49 -3.76 0.96
C ASN A 91 5.87 -4.21 2.29
N TYR A 92 5.76 -3.31 3.25
CA TYR A 92 5.17 -3.68 4.56
C TYR A 92 3.68 -4.09 4.49
N GLY A 93 2.99 -3.76 3.39
CA GLY A 93 1.59 -4.17 3.17
C GLY A 93 1.43 -5.65 3.44
N GLY A 94 0.38 -6.02 4.17
CA GLY A 94 0.12 -7.43 4.51
C GLY A 94 0.92 -7.94 5.70
N ASP A 95 2.04 -7.30 6.02
CA ASP A 95 2.92 -7.84 7.06
C ASP A 95 2.27 -7.79 8.43
N ALA A 96 2.65 -8.74 9.29
CA ALA A 96 2.06 -8.88 10.61
C ALA A 96 3.18 -8.94 11.65
N HIS A 97 3.08 -8.05 12.63
CA HIS A 97 4.07 -7.97 13.72
C HIS A 97 3.43 -8.25 15.06
N PHE A 98 4.13 -9.06 15.87
CA PHE A 98 3.68 -9.45 17.20
C PHE A 98 4.67 -8.96 18.24
N ASP A 99 4.13 -8.39 19.32
CA ASP A 99 4.95 -7.83 20.39
C ASP A 99 5.53 -8.93 21.23
N ASP A 100 6.84 -9.12 21.15
CA ASP A 100 7.43 -10.21 21.92
C ASP A 100 7.72 -9.82 23.39
N ASP A 101 7.14 -8.71 23.85
CA ASP A 101 7.07 -8.47 25.31
C ASP A 101 5.76 -9.04 25.93
N GLU A 102 4.90 -9.58 25.08
CA GLU A 102 3.71 -10.31 25.53
C GLU A 102 4.04 -11.77 25.70
N THR A 103 3.19 -12.48 26.44
CA THR A 103 3.32 -13.91 26.59
C THR A 103 2.37 -14.59 25.61
N TRP A 104 2.95 -15.30 24.63
CA TRP A 104 2.20 -15.97 23.58
C TRP A 104 2.01 -17.43 23.93
N THR A 105 0.80 -17.93 23.72
CA THR A 105 0.51 -19.29 24.14
C THR A 105 -0.35 -20.07 23.12
N SER A 106 -0.42 -21.38 23.34
CA SER A 106 -1.36 -22.23 22.62
C SER A 106 -2.37 -22.78 23.62
N SER A 107 -2.81 -21.88 24.51
CA SER A 107 -3.81 -22.18 25.56
C SER A 107 -4.63 -20.91 25.83
N SER A 108 -5.34 -20.88 26.95
CA SER A 108 -6.13 -19.73 27.39
C SER A 108 -5.34 -18.72 28.21
N LYS A 109 -4.09 -19.04 28.55
CA LYS A 109 -3.23 -18.14 29.31
C LYS A 109 -2.58 -17.14 28.37
N GLY A 110 -2.08 -16.04 28.92
CA GLY A 110 -1.43 -14.99 28.12
C GLY A 110 -2.30 -14.59 26.94
N TYR A 111 -1.68 -14.38 25.78
CA TYR A 111 -2.44 -14.17 24.54
C TYR A 111 -2.33 -15.40 23.64
N ASN A 112 -3.47 -15.91 23.20
CA ASN A 112 -3.48 -17.10 22.36
C ASN A 112 -2.99 -16.70 20.97
N LEU A 113 -1.87 -17.27 20.55
CA LEU A 113 -1.25 -16.82 19.30
C LEU A 113 -2.16 -17.08 18.09
N PHE A 114 -2.79 -18.24 18.02
CA PHE A 114 -3.71 -18.50 16.92
C PHE A 114 -4.79 -17.41 16.80
N LEU A 115 -5.42 -17.07 17.92
CA LEU A 115 -6.53 -16.14 17.89
C LEU A 115 -6.07 -14.75 17.46
N VAL A 116 -4.97 -14.27 18.04
CA VAL A 116 -4.43 -12.98 17.64
C VAL A 116 -3.97 -13.01 16.17
N ALA A 117 -3.33 -14.10 15.75
CA ALA A 117 -2.90 -14.22 14.35
C ALA A 117 -4.11 -14.18 13.39
N ALA A 118 -5.18 -14.91 13.73
CA ALA A 118 -6.37 -14.92 12.87
C ALA A 118 -6.92 -13.50 12.67
N HIS A 119 -6.99 -12.73 13.76
CA HIS A 119 -7.39 -11.32 13.73
C HIS A 119 -6.41 -10.50 12.87
N GLU A 120 -5.12 -10.62 13.15
CA GLU A 120 -4.14 -9.86 12.36
C GLU A 120 -4.21 -10.16 10.87
N PHE A 121 -4.38 -11.44 10.53
CA PHE A 121 -4.42 -11.77 9.12
C PHE A 121 -5.70 -11.23 8.48
N GLY A 122 -6.73 -11.00 9.29
CA GLY A 122 -7.90 -10.27 8.81
C GLY A 122 -7.48 -8.88 8.31
N HIS A 123 -6.69 -8.18 9.11
CA HIS A 123 -6.14 -6.88 8.68
C HIS A 123 -5.25 -7.05 7.45
N SER A 124 -4.37 -8.06 7.47
CA SER A 124 -3.52 -8.33 6.30
C SER A 124 -4.27 -8.48 4.98
N LEU A 125 -5.52 -8.92 5.09
CA LEU A 125 -6.35 -9.20 3.93
C LEU A 125 -7.31 -8.08 3.57
N GLY A 126 -7.39 -7.07 4.42
CA GLY A 126 -8.22 -5.90 4.11
C GLY A 126 -9.39 -5.60 5.02
N LEU A 127 -9.54 -6.33 6.13
CA LEU A 127 -10.59 -6.02 7.11
C LEU A 127 -10.09 -5.06 8.17
N ASP A 128 -10.90 -4.04 8.44
CA ASP A 128 -10.67 -3.17 9.59
C ASP A 128 -11.49 -3.73 10.75
N HIS A 129 -11.62 -2.95 11.82
CA HIS A 129 -12.36 -3.44 12.98
C HIS A 129 -13.87 -3.44 12.78
N SER A 130 -14.53 -4.36 13.50
CA SER A 130 -15.99 -4.51 13.52
C SER A 130 -16.59 -3.97 14.80
N LYS A 131 -17.84 -3.51 14.73
CA LYS A 131 -18.55 -3.11 15.96
C LYS A 131 -19.25 -4.27 16.65
N ASP A 132 -19.36 -5.42 15.96
CA ASP A 132 -20.00 -6.59 16.55
C ASP A 132 -19.11 -7.16 17.67
N PRO A 133 -19.59 -7.15 18.93
CA PRO A 133 -18.72 -7.59 20.04
C PRO A 133 -18.33 -9.07 19.96
N GLY A 134 -19.09 -9.86 19.20
CA GLY A 134 -18.73 -11.26 18.99
C GLY A 134 -17.82 -11.51 17.80
N ALA A 135 -17.45 -10.47 17.05
CA ALA A 135 -16.65 -10.69 15.82
C ALA A 135 -15.19 -10.95 16.12
N LEU A 136 -14.54 -11.73 15.24
CA LEU A 136 -13.10 -11.90 15.33
C LEU A 136 -12.41 -10.54 15.24
N MET A 137 -12.94 -9.67 14.37
CA MET A 137 -12.36 -8.36 14.10
C MET A 137 -12.81 -7.25 15.09
N PHE A 138 -13.47 -7.62 16.18
CA PHE A 138 -13.75 -6.66 17.24
C PHE A 138 -12.41 -6.09 17.76
N PRO A 139 -12.39 -4.80 18.18
CA PRO A 139 -11.08 -4.22 18.57
C PRO A 139 -10.39 -4.79 19.80
N ILE A 140 -11.14 -5.42 20.68
CA ILE A 140 -10.64 -5.84 22.00
C ILE A 140 -10.60 -7.35 22.15
N TYR A 141 -9.42 -7.85 22.49
CA TYR A 141 -9.19 -9.28 22.70
C TYR A 141 -9.92 -9.81 23.94
N THR A 142 -10.65 -10.89 23.73
CA THR A 142 -11.20 -11.68 24.82
C THR A 142 -11.05 -13.14 24.46
N TYR A 143 -10.75 -13.96 25.46
CA TYR A 143 -10.72 -15.40 25.29
C TYR A 143 -10.75 -16.04 26.67
N LYS A 146 -12.80 -20.91 25.24
CA LYS A 146 -13.57 -22.08 24.82
C LYS A 146 -12.86 -22.88 23.73
N SER A 147 -13.36 -24.09 23.47
CA SER A 147 -12.82 -24.93 22.41
C SER A 147 -13.51 -24.66 21.06
N HIS A 148 -13.07 -25.39 20.04
CA HIS A 148 -13.56 -25.30 18.67
C HIS A 148 -13.92 -23.90 18.18
N PHE A 149 -12.91 -23.23 17.63
CA PHE A 149 -13.09 -21.93 16.98
C PHE A 149 -14.09 -22.02 15.82
N MET A 150 -15.00 -21.07 15.77
CA MET A 150 -15.89 -20.88 14.62
C MET A 150 -15.85 -19.42 14.18
N LEU A 151 -15.57 -19.17 12.90
CA LEU A 151 -15.52 -17.80 12.39
C LEU A 151 -16.92 -17.22 12.41
N PRO A 152 -17.13 -16.13 13.16
CA PRO A 152 -18.46 -15.52 13.22
C PRO A 152 -18.95 -14.97 11.87
N ASP A 153 -20.27 -14.88 11.72
CA ASP A 153 -20.82 -14.47 10.44
C ASP A 153 -20.38 -13.08 10.00
N ASP A 154 -20.19 -12.16 10.95
CA ASP A 154 -19.79 -10.79 10.56
C ASP A 154 -18.45 -10.80 9.81
N ASP A 155 -17.52 -11.62 10.28
CA ASP A 155 -16.21 -11.75 9.64
C ASP A 155 -16.30 -12.48 8.29
N VAL A 156 -17.15 -13.51 8.20
CA VAL A 156 -17.41 -14.20 6.92
C VAL A 156 -17.97 -13.21 5.91
N GLN A 157 -18.98 -12.43 6.29
CA GLN A 157 -19.56 -11.46 5.35
C GLN A 157 -18.51 -10.43 4.94
N GLY A 158 -17.65 -10.04 5.87
CA GLY A 158 -16.67 -9.01 5.56
C GLY A 158 -15.63 -9.52 4.57
N ILE A 159 -15.07 -10.68 4.87
CA ILE A 159 -14.00 -11.18 4.01
C ILE A 159 -14.56 -11.55 2.63
N GLN A 160 -15.79 -12.08 2.61
CA GLN A 160 -16.43 -12.45 1.33
C GLN A 160 -16.83 -11.22 0.50
N SER A 161 -17.08 -10.08 1.14
CA SER A 161 -17.32 -8.84 0.38
C SER A 161 -16.09 -8.43 -0.44
N LEU A 162 -14.90 -8.83 0.03
CA LEU A 162 -13.66 -8.53 -0.67
C LEU A 162 -13.27 -9.57 -1.70
N TYR A 163 -13.38 -10.85 -1.34
CA TYR A 163 -12.80 -11.93 -2.17
C TYR A 163 -13.81 -12.93 -2.76
N GLY A 164 -15.07 -12.78 -2.41
CA GLY A 164 -16.06 -13.81 -2.70
C GLY A 164 -15.85 -15.05 -1.82
N PRO A 165 -16.78 -16.03 -1.92
CA PRO A 165 -16.78 -17.18 -1.02
C PRO A 165 -15.87 -18.34 -1.44
N GLY A 166 -15.35 -18.31 -2.66
CA GLY A 166 -14.71 -19.51 -3.21
C GLY A 166 -15.74 -20.64 -3.21
N ASP A 167 -15.26 -21.88 -3.06
CA ASP A 167 -16.15 -23.04 -3.04
C ASP A 167 -17.06 -22.99 -1.80
N GLU A 168 -18.35 -22.88 -2.03
CA GLU A 168 -19.30 -22.70 -0.92
C GLU A 168 -19.52 -23.99 -0.13
N ASP A 169 -19.11 -25.11 -0.69
CA ASP A 169 -19.16 -26.40 0.01
C ASP A 169 -17.90 -27.23 -0.29
N PRO A 170 -16.77 -26.87 0.35
CA PRO A 170 -15.52 -27.60 0.12
C PRO A 170 -15.34 -28.77 1.11
N TYR B 1 -19.19 -5.23 10.07
CA TYR B 1 -17.74 -5.28 9.68
C TYR B 1 -17.31 -4.00 9.01
N ASN B 2 -16.00 -3.81 8.89
CA ASN B 2 -15.47 -2.72 8.09
C ASN B 2 -14.33 -3.16 7.20
N VAL B 3 -14.24 -2.53 6.03
CA VAL B 3 -13.06 -2.63 5.19
C VAL B 3 -12.28 -1.32 5.33
N PHE B 4 -11.09 -1.22 4.75
CA PHE B 4 -10.28 -0.02 4.95
C PHE B 4 -10.78 1.20 4.18
N PRO B 5 -10.56 2.42 4.72
CA PRO B 5 -10.97 3.61 3.97
C PRO B 5 -10.32 3.66 2.59
N ARG B 6 -11.11 3.99 1.56
CA ARG B 6 -10.57 4.17 0.21
C ARG B 6 -11.01 5.50 -0.42
N THR B 7 -10.18 6.03 -1.32
CA THR B 7 -10.52 7.25 -2.07
C THR B 7 -10.13 7.01 -3.53
N LEU B 8 -11.12 6.98 -4.41
CA LEU B 8 -10.89 6.65 -5.82
C LEU B 8 -10.56 7.87 -6.66
N LYS B 9 -11.02 9.03 -6.21
CA LYS B 9 -10.74 10.29 -6.91
C LYS B 9 -10.87 11.47 -5.95
N TRP B 10 -10.16 12.55 -6.26
CA TRP B 10 -10.29 13.78 -5.48
C TRP B 10 -11.71 14.30 -5.59
N SER B 11 -12.27 14.71 -4.45
CA SER B 11 -13.65 15.22 -4.41
C SER B 11 -13.75 16.70 -4.73
N LYS B 12 -12.59 17.35 -4.91
CA LYS B 12 -12.53 18.74 -5.31
C LYS B 12 -11.77 18.83 -6.62
N MET B 13 -12.09 19.85 -7.42
CA MET B 13 -11.44 20.01 -8.71
C MET B 13 -10.19 20.88 -8.65
N ASN B 14 -10.03 21.62 -7.55
CA ASN B 14 -8.91 22.52 -7.40
C ASN B 14 -7.92 21.97 -6.39
N LEU B 15 -6.77 21.55 -6.88
CA LEU B 15 -5.76 20.90 -6.06
C LEU B 15 -4.55 21.79 -5.93
N THR B 16 -3.83 21.63 -4.82
CA THR B 16 -2.58 22.36 -4.62
C THR B 16 -1.37 21.42 -4.63
N TYR B 17 -0.22 21.96 -5.01
CA TYR B 17 1.03 21.23 -4.86
C TYR B 17 2.13 22.11 -4.29
N ARG B 18 3.17 21.48 -3.77
CA ARG B 18 4.31 22.23 -3.22
C ARG B 18 5.56 21.45 -3.54
N ILE B 19 6.57 22.15 -4.09
CA ILE B 19 7.89 21.56 -4.34
C ILE B 19 8.73 21.78 -3.09
N VAL B 20 8.88 20.73 -2.30
CA VAL B 20 9.49 20.86 -0.97
C VAL B 20 11.00 21.07 -1.07
N ASN B 21 11.65 20.35 -1.97
CA ASN B 21 13.08 20.51 -2.18
C ASN B 21 13.42 20.20 -3.64
N TYR B 22 14.71 20.31 -3.96
CA TYR B 22 15.14 20.30 -5.35
C TYR B 22 16.34 19.40 -5.60
N THR B 23 16.30 18.72 -6.74
CA THR B 23 17.43 17.91 -7.17
C THR B 23 18.65 18.76 -7.52
N PRO B 24 19.87 18.22 -7.30
CA PRO B 24 21.07 18.90 -7.76
C PRO B 24 21.20 19.03 -9.28
N ASP B 25 20.51 18.17 -10.05
CA ASP B 25 20.83 17.99 -11.48
C ASP B 25 20.27 19.06 -12.42
N MET B 26 19.31 19.86 -11.94
CA MET B 26 18.57 20.80 -12.78
C MET B 26 18.46 22.11 -12.01
N THR B 27 18.31 23.23 -12.72
CA THR B 27 18.11 24.51 -12.05
C THR B 27 16.72 24.54 -11.40
N HIS B 28 16.52 25.43 -10.42
CA HIS B 28 15.20 25.60 -9.84
C HIS B 28 14.14 25.83 -10.92
N SER B 29 14.46 26.72 -11.87
CA SER B 29 13.54 27.07 -12.94
C SER B 29 13.18 25.85 -13.78
N GLU B 30 14.16 25.03 -14.11
CA GLU B 30 13.91 23.84 -14.91
C GLU B 30 13.02 22.83 -14.18
N VAL B 31 13.24 22.70 -12.88
CA VAL B 31 12.42 21.77 -12.08
C VAL B 31 10.98 22.29 -12.04
N GLU B 32 10.82 23.58 -11.74
CA GLU B 32 9.47 24.19 -11.69
C GLU B 32 8.69 24.03 -12.99
N LYS B 33 9.38 24.28 -14.10
CA LYS B 33 8.77 24.19 -15.42
C LYS B 33 8.37 22.75 -15.73
N ALA B 34 9.19 21.78 -15.32
CA ALA B 34 8.87 20.36 -15.55
C ALA B 34 7.64 19.91 -14.79
N PHE B 35 7.52 20.31 -13.52
CA PHE B 35 6.35 19.95 -12.73
C PHE B 35 5.11 20.68 -13.24
N LYS B 36 5.26 21.96 -13.61
CA LYS B 36 4.13 22.70 -14.15
C LYS B 36 3.59 22.03 -15.42
N LYS B 37 4.52 21.63 -16.29
CA LYS B 37 4.18 20.97 -17.55
C LYS B 37 3.48 19.63 -17.29
N ALA B 38 3.99 18.90 -16.30
CA ALA B 38 3.43 17.60 -15.90
C ALA B 38 1.97 17.70 -15.39
N PHE B 39 1.68 18.72 -14.59
CA PHE B 39 0.28 18.94 -14.15
C PHE B 39 -0.61 19.35 -15.32
N LYS B 40 -0.06 20.16 -16.23
CA LYS B 40 -0.81 20.60 -17.41
C LYS B 40 -1.28 19.44 -18.27
N VAL B 41 -0.50 18.36 -18.30
CA VAL B 41 -0.87 17.15 -19.03
C VAL B 41 -2.28 16.74 -18.61
N TRP B 42 -2.54 16.77 -17.30
CA TRP B 42 -3.81 16.30 -16.75
C TRP B 42 -4.90 17.37 -16.69
N SER B 43 -4.52 18.61 -16.40
CA SER B 43 -5.52 19.70 -16.37
C SER B 43 -6.07 20.02 -17.77
N ASP B 44 -5.26 19.76 -18.81
CA ASP B 44 -5.69 20.02 -20.20
C ASP B 44 -6.84 19.14 -20.66
N VAL B 45 -7.07 18.01 -19.99
CA VAL B 45 -8.07 17.03 -20.46
C VAL B 45 -9.12 16.68 -19.41
N THR B 46 -9.17 17.44 -18.32
CA THR B 46 -10.12 17.24 -17.22
C THR B 46 -10.53 18.61 -16.66
N PRO B 47 -11.51 18.65 -15.74
CA PRO B 47 -11.82 19.91 -15.04
C PRO B 47 -10.83 20.26 -13.91
N LEU B 48 -9.81 19.43 -13.71
CA LEU B 48 -8.83 19.63 -12.62
C LEU B 48 -7.97 20.85 -12.83
N ASN B 49 -7.71 21.59 -11.74
CA ASN B 49 -6.83 22.76 -11.78
C ASN B 49 -5.79 22.58 -10.67
N PHE B 50 -4.56 23.01 -10.94
CA PHE B 50 -3.46 22.83 -9.98
C PHE B 50 -2.79 24.16 -9.69
N THR B 51 -2.60 24.48 -8.41
CA THR B 51 -1.91 25.71 -8.06
C THR B 51 -0.79 25.41 -7.06
N ARG B 52 0.27 26.19 -7.17
CA ARG B 52 1.48 25.94 -6.42
C ARG B 52 1.44 26.72 -5.11
N LEU B 53 1.69 26.03 -4.00
CA LEU B 53 1.95 26.67 -2.70
C LEU B 53 3.45 26.70 -2.42
N HIS B 54 3.93 27.78 -1.81
CA HIS B 54 5.34 27.88 -1.47
C HIS B 54 5.67 27.46 -0.05
N ASP B 55 4.64 27.31 0.78
CA ASP B 55 4.78 26.96 2.19
C ASP B 55 3.63 26.10 2.60
N GLY B 56 3.78 25.41 3.74
CA GLY B 56 2.69 24.71 4.37
C GLY B 56 2.32 23.43 3.65
N ILE B 57 1.13 22.92 3.94
CA ILE B 57 0.74 21.65 3.39
C ILE B 57 -0.11 21.89 2.15
N ALA B 58 0.30 21.23 1.07
CA ALA B 58 -0.43 21.17 -0.17
C ALA B 58 -0.98 19.77 -0.35
N ASP B 59 -1.98 19.61 -1.21
CA ASP B 59 -2.52 18.27 -1.50
C ASP B 59 -1.44 17.34 -2.02
N ILE B 60 -0.68 17.82 -3.01
CA ILE B 60 0.38 17.02 -3.62
C ILE B 60 1.75 17.56 -3.16
N MET B 61 2.36 16.90 -2.20
CA MET B 61 3.67 17.30 -1.69
C MET B 61 4.71 16.57 -2.51
N ILE B 62 5.60 17.34 -3.13
CA ILE B 62 6.61 16.82 -4.05
C ILE B 62 7.99 16.96 -3.41
N SER B 63 8.79 15.91 -3.47
CA SER B 63 10.12 15.95 -2.85
C SER B 63 11.05 14.95 -3.49
N PHE B 64 12.34 15.19 -3.28
CA PHE B 64 13.42 14.35 -3.79
C PHE B 64 14.08 13.77 -2.57
N GLY B 65 14.34 12.46 -2.60
CA GLY B 65 15.00 11.82 -1.46
C GLY B 65 15.75 10.60 -1.93
N ILE B 66 16.57 10.06 -1.05
CA ILE B 66 17.28 8.82 -1.35
C ILE B 66 17.08 7.79 -0.23
N LYS B 67 17.25 6.52 -0.60
CA LYS B 67 17.19 5.40 0.35
C LYS B 67 15.96 5.55 1.24
N GLU B 68 16.11 5.39 2.56
CA GLU B 68 14.96 5.57 3.44
C GLU B 68 14.76 7.06 3.69
N HIS B 69 13.60 7.57 3.28
CA HIS B 69 13.37 9.01 3.22
C HIS B 69 12.09 9.44 3.93
N GLY B 70 11.56 8.54 4.77
CA GLY B 70 10.52 8.92 5.70
C GLY B 70 9.17 8.24 5.58
N ASP B 71 9.07 7.24 4.71
CA ASP B 71 7.79 6.56 4.53
C ASP B 71 7.86 5.02 4.53
N PHE B 72 9.04 4.48 4.82
CA PHE B 72 9.31 3.03 4.78
C PHE B 72 9.01 2.37 3.42
N TYR B 73 9.08 3.16 2.35
CA TYR B 73 9.19 2.65 1.00
C TYR B 73 10.54 3.16 0.46
N PRO B 74 11.66 2.55 0.90
CA PRO B 74 12.95 3.18 0.56
C PRO B 74 13.29 3.06 -0.91
N PHE B 75 14.01 4.05 -1.43
CA PHE B 75 14.57 3.94 -2.77
C PHE B 75 15.83 3.10 -2.73
N ASP B 76 16.46 2.91 -3.89
CA ASP B 76 17.42 1.82 -4.07
C ASP B 76 18.72 2.22 -4.77
N GLY B 77 19.02 3.51 -4.77
CA GLY B 77 20.17 4.01 -5.53
C GLY B 77 19.89 4.12 -7.01
N PRO B 78 20.94 4.28 -7.85
CA PRO B 78 20.78 4.53 -9.28
C PRO B 78 19.99 3.41 -9.98
N SER B 79 19.13 3.80 -10.93
CA SER B 79 18.22 2.91 -11.67
C SER B 79 17.23 2.15 -10.76
N GLY B 80 16.64 1.07 -11.27
CA GLY B 80 15.57 0.39 -10.52
C GLY B 80 14.39 1.32 -10.28
N LEU B 81 13.97 1.45 -9.02
CA LEU B 81 12.87 2.37 -8.64
C LEU B 81 13.27 3.80 -8.96
N LEU B 82 12.38 4.57 -9.58
CA LEU B 82 12.70 5.93 -10.01
C LEU B 82 12.00 6.97 -9.17
N ALA B 83 10.79 6.61 -8.73
CA ALA B 83 9.88 7.53 -8.05
C ALA B 83 8.64 6.75 -7.64
N HIS B 84 7.88 7.28 -6.69
CA HIS B 84 6.58 6.72 -6.38
C HIS B 84 5.63 7.80 -5.91
N ALA B 85 4.34 7.54 -6.04
CA ALA B 85 3.32 8.49 -5.62
C ALA B 85 2.19 7.73 -4.93
N PHE B 86 1.51 8.40 -4.01
CA PHE B 86 0.39 7.79 -3.29
C PHE B 86 -0.92 8.18 -3.97
N PRO B 87 -1.90 7.27 -3.97
CA PRO B 87 -3.22 7.53 -4.56
C PRO B 87 -3.97 8.64 -3.82
N PRO B 88 -5.07 9.15 -4.39
CA PRO B 88 -5.80 10.26 -3.75
C PRO B 88 -6.16 9.98 -2.30
N GLY B 89 -6.13 11.02 -1.48
CA GLY B 89 -6.52 10.92 -0.08
C GLY B 89 -5.80 11.94 0.77
N PRO B 90 -6.15 12.02 2.06
CA PRO B 90 -5.46 12.94 2.95
C PRO B 90 -4.01 12.55 3.24
N ASN B 91 -3.27 13.48 3.86
CA ASN B 91 -1.91 13.26 4.34
C ASN B 91 -0.98 12.82 3.24
N TYR B 92 -0.42 11.62 3.32
CA TYR B 92 0.49 11.11 2.27
C TYR B 92 -0.21 10.98 0.90
N GLY B 93 -1.53 10.87 0.90
CA GLY B 93 -2.29 10.71 -0.34
C GLY B 93 -1.90 11.78 -1.33
N GLY B 94 -1.72 11.41 -2.59
CA GLY B 94 -1.30 12.36 -3.64
C GLY B 94 0.19 12.69 -3.73
N ASP B 95 0.92 12.53 -2.63
CA ASP B 95 2.32 12.99 -2.58
C ASP B 95 3.19 12.20 -3.56
N ALA B 96 4.23 12.85 -4.09
CA ALA B 96 5.10 12.25 -5.08
C ALA B 96 6.56 12.41 -4.66
N HIS B 97 7.29 11.30 -4.63
CA HIS B 97 8.70 11.30 -4.24
C HIS B 97 9.54 10.81 -5.40
N PHE B 98 10.68 11.48 -5.60
CA PHE B 98 11.59 11.19 -6.73
C PHE B 98 12.94 10.78 -6.16
N ASP B 99 13.48 9.67 -6.69
CA ASP B 99 14.73 9.12 -6.19
C ASP B 99 15.91 9.98 -6.62
N ASP B 100 16.52 10.68 -5.67
CA ASP B 100 17.60 11.60 -6.04
C ASP B 100 18.95 10.91 -6.26
N ASP B 101 18.95 9.57 -6.29
CA ASP B 101 20.10 8.85 -6.80
C ASP B 101 20.02 8.64 -8.33
N GLU B 102 18.92 9.07 -8.94
CA GLU B 102 18.83 9.10 -10.41
C GLU B 102 19.40 10.40 -10.93
N THR B 103 19.82 10.40 -12.19
CA THR B 103 20.19 11.63 -12.85
C THR B 103 18.94 12.15 -13.56
N TRP B 104 18.46 13.31 -13.09
CA TRP B 104 17.26 13.95 -13.63
C TRP B 104 17.58 15.02 -14.67
N THR B 105 16.82 15.01 -15.77
CA THR B 105 17.14 15.91 -16.88
C THR B 105 15.90 16.46 -17.56
N SER B 106 16.11 17.40 -18.47
CA SER B 106 15.07 17.81 -19.39
C SER B 106 15.28 17.20 -20.80
N SER B 107 15.83 15.99 -20.87
CA SER B 107 16.16 15.33 -22.15
C SER B 107 16.18 13.78 -22.10
N SER B 108 16.78 13.15 -23.11
CA SER B 108 16.90 11.68 -23.20
C SER B 108 17.93 11.12 -22.23
N LYS B 109 18.86 11.97 -21.80
CA LYS B 109 19.85 11.60 -20.81
C LYS B 109 19.17 11.24 -19.49
N GLY B 110 19.74 10.26 -18.77
CA GLY B 110 19.20 9.87 -17.47
C GLY B 110 17.70 9.71 -17.56
N TYR B 111 16.99 10.31 -16.62
CA TYR B 111 15.53 10.27 -16.66
C TYR B 111 14.95 11.66 -16.81
N ASN B 112 13.97 11.76 -17.70
CA ASN B 112 13.33 13.04 -17.95
C ASN B 112 12.36 13.35 -16.81
N LEU B 113 12.63 14.41 -16.04
CA LEU B 113 11.82 14.72 -14.86
C LEU B 113 10.35 14.99 -15.20
N PHE B 114 10.09 15.83 -16.22
CA PHE B 114 8.71 16.06 -16.73
C PHE B 114 7.95 14.75 -16.98
N LEU B 115 8.59 13.81 -17.69
CA LEU B 115 7.92 12.57 -18.10
C LEU B 115 7.59 11.70 -16.89
N VAL B 116 8.57 11.54 -16.01
CA VAL B 116 8.37 10.75 -14.80
C VAL B 116 7.32 11.41 -13.91
N ALA B 117 7.36 12.74 -13.80
CA ALA B 117 6.38 13.46 -12.98
C ALA B 117 4.97 13.31 -13.55
N ALA B 118 4.83 13.44 -14.87
CA ALA B 118 3.52 13.25 -15.52
C ALA B 118 2.92 11.89 -15.17
N HIS B 119 3.74 10.84 -15.26
CA HIS B 119 3.35 9.50 -14.87
C HIS B 119 2.97 9.41 -13.38
N GLU B 120 3.83 9.92 -12.49
CA GLU B 120 3.56 9.87 -11.07
C GLU B 120 2.29 10.61 -10.68
N PHE B 121 2.05 11.75 -11.32
CA PHE B 121 0.85 12.52 -11.02
C PHE B 121 -0.41 11.78 -11.48
N GLY B 122 -0.27 10.94 -12.51
CA GLY B 122 -1.35 10.04 -12.89
C GLY B 122 -1.74 9.17 -11.70
N HIS B 123 -0.74 8.62 -10.99
CA HIS B 123 -1.03 7.87 -9.76
C HIS B 123 -1.66 8.75 -8.69
N SER B 124 -1.09 9.94 -8.49
CA SER B 124 -1.63 10.92 -7.52
C SER B 124 -3.12 11.19 -7.74
N LEU B 125 -3.56 11.10 -9.00
CA LEU B 125 -4.93 11.40 -9.38
C LEU B 125 -5.88 10.19 -9.41
N GLY B 126 -5.31 9.00 -9.30
CA GLY B 126 -6.10 7.79 -9.15
C GLY B 126 -5.97 6.77 -10.27
N LEU B 127 -5.00 6.97 -11.17
CA LEU B 127 -4.72 5.95 -12.20
C LEU B 127 -3.70 4.92 -11.75
N ASP B 128 -3.97 3.66 -12.08
CA ASP B 128 -3.03 2.58 -11.92
C ASP B 128 -2.26 2.43 -13.24
N HIS B 129 -1.41 1.41 -13.32
CA HIS B 129 -0.70 1.14 -14.57
C HIS B 129 -1.60 0.62 -15.68
N SER B 130 -1.25 1.01 -16.90
CA SER B 130 -1.95 0.55 -18.10
C SER B 130 -1.20 -0.64 -18.70
N LYS B 131 -1.94 -1.46 -19.42
CA LYS B 131 -1.35 -2.58 -20.15
C LYS B 131 -0.90 -2.17 -21.55
N ASP B 132 -1.35 -0.99 -22.00
CA ASP B 132 -1.03 -0.47 -23.34
C ASP B 132 0.43 0.02 -23.37
N PRO B 133 1.29 -0.63 -24.20
CA PRO B 133 2.71 -0.27 -24.23
C PRO B 133 3.00 1.19 -24.64
N GLY B 134 2.04 1.82 -25.29
CA GLY B 134 2.18 3.22 -25.72
C GLY B 134 1.67 4.24 -24.72
N ALA B 135 1.10 3.79 -23.61
CA ALA B 135 0.49 4.70 -22.63
C ALA B 135 1.53 5.39 -21.74
N LEU B 136 1.23 6.62 -21.32
CA LEU B 136 2.04 7.27 -20.29
C LEU B 136 2.12 6.42 -19.02
N MET B 137 0.98 5.79 -18.69
CA MET B 137 0.84 4.99 -17.47
C MET B 137 1.34 3.54 -17.61
N PHE B 138 2.04 3.23 -18.70
CA PHE B 138 2.73 1.93 -18.81
C PHE B 138 3.82 1.83 -17.71
N PRO B 139 4.09 0.62 -17.17
CA PRO B 139 5.09 0.50 -16.09
C PRO B 139 6.56 0.72 -16.46
N ILE B 140 6.91 0.66 -17.75
CA ILE B 140 8.31 0.71 -18.16
C ILE B 140 8.64 2.01 -18.89
N TYR B 141 9.70 2.69 -18.42
CA TYR B 141 10.14 3.96 -18.96
C TYR B 141 10.84 3.86 -20.32
N THR B 142 10.30 4.58 -21.30
CA THR B 142 11.00 4.83 -22.57
C THR B 142 10.93 6.33 -22.93
N TYR B 143 11.77 6.74 -23.89
CA TYR B 143 11.87 8.14 -24.29
C TYR B 143 11.80 8.31 -25.81
N THR B 144 10.85 9.12 -26.30
CA THR B 144 10.62 9.31 -27.75
C THR B 144 11.70 10.16 -28.42
N GLY B 145 12.18 11.18 -27.69
CA GLY B 145 13.15 12.13 -28.23
C GLY B 145 12.52 13.35 -28.90
N LYS B 146 11.18 13.39 -28.91
CA LYS B 146 10.44 14.49 -29.54
C LYS B 146 10.33 15.69 -28.61
N SER B 147 10.37 16.89 -29.21
CA SER B 147 10.24 18.11 -28.43
C SER B 147 8.83 18.36 -27.92
N HIS B 148 7.83 17.78 -28.59
CA HIS B 148 6.43 17.88 -28.16
C HIS B 148 5.91 16.58 -27.57
N PHE B 149 5.20 16.72 -26.45
CA PHE B 149 4.57 15.59 -25.79
C PHE B 149 3.08 15.58 -26.14
N MET B 150 2.56 14.40 -26.42
CA MET B 150 1.13 14.21 -26.65
C MET B 150 0.59 13.10 -25.79
N LEU B 151 -0.39 13.42 -24.93
CA LEU B 151 -0.97 12.41 -24.06
C LEU B 151 -1.75 11.37 -24.87
N PRO B 152 -1.33 10.08 -24.78
CA PRO B 152 -2.04 9.03 -25.51
C PRO B 152 -3.52 8.90 -25.15
N ASP B 153 -4.32 8.43 -26.12
CA ASP B 153 -5.74 8.29 -25.89
C ASP B 153 -6.08 7.35 -24.73
N ASP B 154 -5.25 6.33 -24.49
CA ASP B 154 -5.48 5.42 -23.35
C ASP B 154 -5.50 6.18 -22.02
N ASP B 155 -4.53 7.09 -21.84
CA ASP B 155 -4.43 7.87 -20.61
C ASP B 155 -5.55 8.91 -20.51
N VAL B 156 -5.92 9.50 -21.64
CA VAL B 156 -7.02 10.45 -21.70
C VAL B 156 -8.33 9.77 -21.27
N GLN B 157 -8.62 8.61 -21.85
CA GLN B 157 -9.79 7.83 -21.46
C GLN B 157 -9.77 7.44 -19.97
N GLY B 158 -8.60 7.05 -19.48
CA GLY B 158 -8.44 6.67 -18.07
C GLY B 158 -8.81 7.80 -17.14
N ILE B 159 -8.19 8.95 -17.35
CA ILE B 159 -8.38 10.08 -16.44
C ILE B 159 -9.80 10.65 -16.53
N GLN B 160 -10.38 10.63 -17.74
CA GLN B 160 -11.74 11.12 -17.92
C GLN B 160 -12.78 10.16 -17.36
N SER B 161 -12.42 8.88 -17.24
CA SER B 161 -13.30 7.90 -16.59
C SER B 161 -13.54 8.28 -15.13
N LEU B 162 -12.57 8.99 -14.54
CA LEU B 162 -12.66 9.45 -13.16
C LEU B 162 -13.24 10.85 -13.03
N TYR B 163 -12.77 11.78 -13.87
CA TYR B 163 -13.06 13.21 -13.67
C TYR B 163 -13.92 13.86 -14.75
N GLY B 164 -14.11 13.15 -15.84
CA GLY B 164 -14.79 13.73 -17.01
C GLY B 164 -13.85 14.65 -17.78
N PRO B 165 -14.33 15.15 -18.93
CA PRO B 165 -13.53 16.02 -19.79
C PRO B 165 -13.52 17.46 -19.28
N GLY B 166 -12.62 18.26 -19.83
CA GLY B 166 -12.60 19.69 -19.54
C GLY B 166 -13.65 20.45 -20.33
#